data_8UUH
#
_entry.id   8UUH
#
_cell.length_a   114.713
_cell.length_b   114.713
_cell.length_c   218.719
_cell.angle_alpha   90.000
_cell.angle_beta   90.000
_cell.angle_gamma   90.000
#
_symmetry.space_group_name_H-M   'I 41 2 2'
#
loop_
_entity.id
_entity.type
_entity.pdbx_description
1 polymer 'Papain-like protease nsp3'
2 non-polymer 5-[2-(dimethylamino)ethoxy]-2-methyl-N-[(1R)-1-{(3M,5P)-3-(1-methyl-1H-pyrazol-4-yl)-5-[1-(propan-2-yl)-1H-pyrazol-4-yl]phenyl}ethyl]benzamide
3 non-polymer DI(HYDROXYETHYL)ETHER
4 non-polymer 'ZINC ION'
5 non-polymer 'CHLORIDE ION'
6 water water
#
_entity_poly.entity_id   1
_entity_poly.type   'polypeptide(L)'
_entity_poly.pdbx_seq_one_letter_code
;SNAEVRTIKVFTTVDNINLHTQVVDMSMTYGQQFGPTYLDGADVTKIKPHNSHEGKTFYVLPNDDTLRVEAFEYYHTTDP
SFLGRYMSALNHTKKWKYPQVNGLTSIKWADNNCYLATALLTLQQIELKFNPPALQDAYYRARAGEAANFCALILAYCNK
TVGELGDVRETMSYLFQHANLDSCKRVLNVVCKTCGQQQTTLKGVEAVMYMGTLSYEQFKKGVQIPCTCGKQATKYLVQQ
ESPFVMMSAPPAQYELKHGTFTCASEYTGNYQCGHYKHITSKETLYCIDGALLTKSSEYKGPITDVFYKENSYTTTIK
;
_entity_poly.pdbx_strand_id   A
#
loop_
_chem_comp.id
_chem_comp.type
_chem_comp.name
_chem_comp.formula
CL non-polymer 'CHLORIDE ION' 'Cl -1'
PEG non-polymer DI(HYDROXYETHYL)ETHER 'C4 H10 O3'
XYI non-polymer 5-[2-(dimethylamino)ethoxy]-2-methyl-N-[(1R)-1-{(3M,5P)-3-(1-methyl-1H-pyrazol-4-yl)-5-[1-(propan-2-yl)-1H-pyrazol-4-yl]phenyl}ethyl]benzamide 'C30 H38 N6 O2'
ZN non-polymer 'ZINC ION' 'Zn 2'
#
# COMPACT_ATOMS: atom_id res chain seq x y z
N VAL A 10 -22.35 -27.57 0.00
CA VAL A 10 -21.79 -26.38 0.62
C VAL A 10 -20.26 -26.46 0.67
N PHE A 11 -19.61 -25.38 0.27
CA PHE A 11 -18.15 -25.30 0.23
C PHE A 11 -17.66 -24.27 1.24
N THR A 12 -16.63 -24.64 2.00
CA THR A 12 -15.99 -23.75 2.96
C THR A 12 -14.52 -23.60 2.60
N THR A 13 -13.99 -22.40 2.78
CA THR A 13 -12.62 -22.14 2.40
C THR A 13 -12.06 -20.97 3.20
N VAL A 14 -10.75 -20.83 3.16
CA VAL A 14 -10.06 -19.67 3.74
C VAL A 14 -9.28 -18.89 2.70
N ASP A 15 -9.03 -19.45 1.53
CA ASP A 15 -8.23 -18.81 0.49
C ASP A 15 -8.93 -18.72 -0.86
N ASN A 16 -10.15 -19.24 -0.97
CA ASN A 16 -10.88 -19.35 -2.24
C ASN A 16 -10.09 -20.14 -3.29
N ILE A 17 -9.17 -21.00 -2.83
CA ILE A 17 -8.39 -21.86 -3.71
C ILE A 17 -8.65 -23.30 -3.29
N ASN A 18 -8.21 -23.65 -2.08
CA ASN A 18 -8.44 -24.98 -1.51
C ASN A 18 -9.82 -24.97 -0.87
N LEU A 19 -10.81 -25.50 -1.57
CA LEU A 19 -12.19 -25.50 -1.09
C LEU A 19 -12.49 -26.83 -0.41
N HIS A 20 -13.29 -26.78 0.65
CA HIS A 20 -13.67 -27.96 1.42
C HIS A 20 -15.18 -28.10 1.39
N THR A 21 -15.67 -29.21 0.85
CA THR A 21 -17.11 -29.42 0.67
C THR A 21 -17.69 -30.05 1.93
N GLN A 22 -18.60 -29.32 2.58
CA GLN A 22 -19.28 -29.79 3.77
C GLN A 22 -20.76 -29.99 3.49
N VAL A 23 -21.40 -30.81 4.33
CA VAL A 23 -22.83 -31.07 4.25
C VAL A 23 -23.52 -30.25 5.33
N VAL A 24 -24.53 -29.48 4.94
CA VAL A 24 -25.19 -28.55 5.84
C VAL A 24 -26.68 -28.88 5.90
N ASP A 25 -27.33 -28.40 6.96
CA ASP A 25 -28.77 -28.46 7.11
C ASP A 25 -29.31 -27.05 7.32
N MET A 26 -30.63 -26.94 7.44
CA MET A 26 -31.29 -25.65 7.55
C MET A 26 -31.74 -25.29 8.96
N SER A 27 -31.55 -26.20 9.93
CA SER A 27 -32.02 -25.93 11.29
C SER A 27 -31.12 -24.93 12.01
N MET A 28 -29.89 -25.34 12.33
CA MET A 28 -28.97 -24.46 13.03
C MET A 28 -28.41 -23.41 12.08
N THR A 29 -28.00 -22.28 12.66
CA THR A 29 -27.41 -21.21 11.89
C THR A 29 -25.96 -21.56 11.53
N TYR A 30 -25.36 -20.73 10.68
CA TYR A 30 -23.98 -20.96 10.27
C TYR A 30 -23.03 -20.85 11.45
N GLY A 31 -23.30 -19.92 12.36
CA GLY A 31 -22.45 -19.80 13.55
C GLY A 31 -22.29 -21.11 14.30
N GLN A 32 -23.41 -21.79 14.56
CA GLN A 32 -23.37 -23.08 15.28
C GLN A 32 -22.68 -24.17 14.46
N GLN A 33 -22.83 -24.14 13.14
CA GLN A 33 -22.30 -25.25 12.30
C GLN A 33 -20.85 -24.98 11.88
N PHE A 34 -20.49 -23.75 11.48
CA PHE A 34 -19.16 -23.52 10.94
C PHE A 34 -18.35 -22.51 11.74
N GLY A 35 -18.92 -21.91 12.78
CA GLY A 35 -18.31 -20.77 13.42
C GLY A 35 -18.67 -19.51 12.66
N PRO A 36 -17.94 -18.43 12.87
CA PRO A 36 -18.21 -17.19 12.13
C PRO A 36 -17.97 -17.40 10.64
N THR A 37 -19.04 -17.27 9.86
CA THR A 37 -19.02 -17.53 8.43
C THR A 37 -19.45 -16.28 7.68
N TYR A 38 -18.80 -16.02 6.54
CA TYR A 38 -19.07 -14.85 5.73
C TYR A 38 -19.42 -15.27 4.30
N LEU A 39 -20.47 -14.66 3.76
CA LEU A 39 -20.78 -14.73 2.34
C LEU A 39 -20.49 -13.36 1.73
N ASP A 40 -19.66 -13.34 0.68
CA ASP A 40 -19.13 -12.10 0.14
C ASP A 40 -18.43 -11.30 1.24
N GLY A 41 -19.03 -10.20 1.66
CA GLY A 41 -18.48 -9.41 2.75
C GLY A 41 -19.38 -9.37 3.96
N ALA A 42 -20.60 -9.87 3.81
CA ALA A 42 -21.58 -9.86 4.89
C ALA A 42 -21.32 -11.02 5.85
N ASP A 43 -21.89 -10.90 7.04
CA ASP A 43 -21.73 -11.89 8.10
C ASP A 43 -22.99 -12.76 8.16
N VAL A 44 -22.86 -14.00 7.73
CA VAL A 44 -23.95 -14.96 7.81
C VAL A 44 -23.84 -15.85 9.06
N THR A 45 -23.13 -15.38 10.09
CA THR A 45 -22.99 -16.15 11.32
C THR A 45 -24.36 -16.38 11.97
N LYS A 46 -25.11 -15.31 12.20
CA LYS A 46 -26.44 -15.40 12.77
C LYS A 46 -27.51 -15.75 11.74
N ILE A 47 -27.19 -15.68 10.46
CA ILE A 47 -28.16 -15.97 9.41
C ILE A 47 -28.28 -17.47 9.22
N LYS A 48 -29.50 -17.95 9.03
CA LYS A 48 -29.75 -19.36 8.80
C LYS A 48 -29.48 -19.72 7.34
N PRO A 49 -29.17 -20.98 7.05
CA PRO A 49 -28.95 -21.39 5.66
C PRO A 49 -30.20 -21.23 4.83
N HIS A 50 -30.02 -20.86 3.56
CA HIS A 50 -31.13 -20.59 2.65
C HIS A 50 -30.94 -21.42 1.38
N ASN A 51 -31.91 -21.29 0.47
CA ASN A 51 -31.91 -22.12 -0.74
C ASN A 51 -30.83 -21.71 -1.71
N SER A 52 -30.80 -20.42 -2.09
CA SER A 52 -29.81 -19.94 -3.05
C SER A 52 -28.40 -19.99 -2.51
N HIS A 53 -28.22 -20.19 -1.20
CA HIS A 53 -26.88 -20.30 -0.64
C HIS A 53 -26.15 -21.54 -1.12
N GLU A 54 -26.88 -22.57 -1.55
CA GLU A 54 -26.25 -23.80 -2.05
C GLU A 54 -25.94 -23.67 -3.54
N LYS A 56 -22.75 -22.83 -3.21
CA LYS A 56 -21.79 -21.74 -3.21
C LYS A 56 -20.65 -22.01 -2.23
N THR A 57 -19.73 -21.06 -2.13
CA THR A 57 -18.57 -21.18 -1.25
C THR A 57 -18.62 -20.10 -0.19
N PHE A 58 -18.24 -20.46 1.04
CA PHE A 58 -18.29 -19.55 2.18
C PHE A 58 -16.91 -19.42 2.80
N TYR A 59 -16.59 -18.22 3.26
CA TYR A 59 -15.37 -17.96 4.01
C TYR A 59 -15.62 -18.22 5.49
N VAL A 60 -14.77 -19.05 6.10
CA VAL A 60 -14.89 -19.38 7.51
C VAL A 60 -13.57 -19.08 8.20
N LEU A 61 -13.65 -18.79 9.50
CA LEU A 61 -12.44 -18.63 10.29
C LEU A 61 -11.79 -19.99 10.51
N PRO A 62 -10.46 -20.06 10.48
CA PRO A 62 -9.78 -21.36 10.63
C PRO A 62 -10.06 -21.99 11.98
N ASN A 63 -10.59 -23.22 11.96
CA ASN A 63 -10.89 -23.97 13.16
C ASN A 63 -10.06 -25.23 13.32
N ASP A 64 -9.33 -25.67 12.29
CA ASP A 64 -8.41 -26.79 12.39
C ASP A 64 -7.03 -26.37 11.93
N ASP A 65 -6.08 -27.29 12.07
CA ASP A 65 -4.71 -27.00 11.66
C ASP A 65 -4.59 -26.89 10.15
N THR A 66 -5.38 -27.65 9.40
CA THR A 66 -5.32 -27.58 7.94
C THR A 66 -5.77 -26.22 7.43
N LEU A 67 -6.85 -25.66 8.01
CA LEU A 67 -7.29 -24.33 7.61
C LEU A 67 -6.32 -23.26 8.09
N ARG A 68 -5.75 -23.44 9.28
CA ARG A 68 -4.78 -22.47 9.78
C ARG A 68 -3.53 -22.43 8.90
N VAL A 69 -3.11 -23.60 8.41
CA VAL A 69 -1.94 -23.65 7.53
C VAL A 69 -2.26 -23.00 6.19
N GLU A 70 -3.41 -23.34 5.61
CA GLU A 70 -3.81 -22.72 4.35
C GLU A 70 -3.99 -21.22 4.50
N ALA A 71 -4.48 -20.77 5.66
CA ALA A 71 -4.69 -19.34 5.89
C ALA A 71 -3.36 -18.60 5.92
N PHE A 72 -2.33 -19.19 6.53
CA PHE A 72 -1.03 -18.54 6.55
C PHE A 72 -0.39 -18.54 5.17
N GLU A 73 -0.55 -19.64 4.43
CA GLU A 73 0.08 -19.73 3.11
C GLU A 73 -0.44 -18.65 2.17
N TYR A 74 -1.69 -18.24 2.34
CA TYR A 74 -2.27 -17.24 1.44
C TYR A 74 -2.05 -15.81 1.95
N TYR A 75 -2.20 -15.60 3.25
CA TYR A 75 -2.14 -14.24 3.81
C TYR A 75 -0.87 -13.93 4.57
N HIS A 76 -0.08 -14.94 4.94
CA HIS A 76 1.14 -14.75 5.72
C HIS A 76 0.85 -14.02 7.03
N THR A 77 -0.26 -14.39 7.67
CA THR A 77 -0.60 -13.88 8.99
C THR A 77 -1.34 -14.96 9.74
N THR A 78 -1.16 -14.98 11.06
CA THR A 78 -1.90 -15.88 11.94
C THR A 78 -2.82 -15.14 12.89
N ASP A 79 -2.97 -13.83 12.70
CA ASP A 79 -3.88 -13.05 13.50
C ASP A 79 -5.31 -13.55 13.28
N PRO A 80 -6.00 -14.02 14.32
CA PRO A 80 -7.36 -14.55 14.11
C PRO A 80 -8.35 -13.51 13.66
N SER A 81 -8.12 -12.23 13.96
CA SER A 81 -9.04 -11.17 13.57
C SER A 81 -8.85 -10.72 12.12
N PHE A 82 -7.82 -11.21 11.43
CA PHE A 82 -7.52 -10.72 10.09
C PHE A 82 -8.68 -10.94 9.13
N LEU A 83 -9.24 -12.16 9.12
CA LEU A 83 -10.37 -12.44 8.24
C LEU A 83 -11.56 -11.55 8.56
N GLY A 84 -11.75 -11.22 9.84
CA GLY A 84 -12.86 -10.35 10.21
C GLY A 84 -12.65 -8.93 9.72
N ARG A 85 -11.47 -8.37 9.95
CA ARG A 85 -11.17 -7.03 9.45
C ARG A 85 -11.19 -6.99 7.93
N TYR A 86 -10.76 -8.07 7.27
CA TYR A 86 -10.75 -8.10 5.81
C TYR A 86 -12.16 -8.18 5.24
N MET A 87 -13.01 -9.04 5.81
CA MET A 87 -14.39 -9.14 5.35
C MET A 87 -15.18 -7.88 5.65
N SER A 88 -14.82 -7.16 6.72
N SER A 88 -14.82 -7.16 6.72
CA SER A 88 -15.52 -5.93 7.05
CA SER A 88 -15.53 -5.93 7.05
C SER A 88 -15.18 -4.82 6.05
C SER A 88 -15.18 -4.81 6.06
N ALA A 89 -13.91 -4.73 5.65
CA ALA A 89 -13.53 -3.74 4.66
C ALA A 89 -14.07 -4.07 3.28
N LEU A 90 -14.10 -5.37 2.94
CA LEU A 90 -14.59 -5.78 1.63
C LEU A 90 -16.06 -5.43 1.44
N ASN A 91 -16.83 -5.41 2.53
CA ASN A 91 -18.25 -5.05 2.43
C ASN A 91 -18.44 -3.63 1.96
N HIS A 92 -17.44 -2.76 2.15
CA HIS A 92 -17.48 -1.40 1.64
C HIS A 92 -16.78 -1.27 0.29
N THR A 93 -15.61 -1.90 0.13
CA THR A 93 -14.84 -1.71 -1.10
C THR A 93 -15.54 -2.32 -2.31
N LYS A 94 -16.35 -3.36 -2.11
CA LYS A 94 -17.09 -3.94 -3.22
C LYS A 94 -18.15 -2.99 -3.77
N LYS A 95 -18.57 -2.00 -2.97
CA LYS A 95 -19.54 -1.01 -3.41
C LYS A 95 -18.89 0.22 -4.02
N TRP A 96 -17.58 0.39 -3.85
CA TRP A 96 -16.89 1.53 -4.43
C TRP A 96 -16.82 1.40 -5.95
N LYS A 97 -16.61 2.53 -6.61
CA LYS A 97 -16.41 2.58 -8.06
C LYS A 97 -14.93 2.79 -8.36
N TYR A 98 -14.40 2.00 -9.31
CA TYR A 98 -12.99 2.01 -9.65
C TYR A 98 -12.83 2.41 -11.11
N PRO A 99 -12.86 3.71 -11.40
CA PRO A 99 -12.75 4.16 -12.80
C PRO A 99 -11.33 4.04 -13.32
N GLN A 100 -11.22 4.11 -14.64
CA GLN A 100 -9.93 4.08 -15.32
C GLN A 100 -9.57 5.50 -15.74
N VAL A 101 -8.59 6.08 -15.06
CA VAL A 101 -8.15 7.45 -15.30
C VAL A 101 -6.74 7.42 -15.87
N ASN A 102 -6.59 7.88 -17.11
CA ASN A 102 -5.29 7.97 -17.78
C ASN A 102 -4.59 6.60 -17.81
N GLY A 103 -5.37 5.56 -18.10
CA GLY A 103 -4.81 4.22 -18.15
C GLY A 103 -4.48 3.63 -16.80
N LEU A 104 -4.95 4.22 -15.72
CA LEU A 104 -4.71 3.73 -14.36
C LEU A 104 -6.04 3.51 -13.66
N THR A 105 -6.04 2.59 -12.70
CA THR A 105 -7.23 2.29 -11.91
C THR A 105 -7.23 3.17 -10.67
N SER A 106 -8.25 4.03 -10.55
CA SER A 106 -8.41 4.90 -9.40
C SER A 106 -9.65 4.47 -8.61
N ILE A 107 -10.04 5.29 -7.64
CA ILE A 107 -11.21 5.03 -6.81
C ILE A 107 -12.04 6.31 -6.72
N LYS A 108 -13.33 6.20 -7.02
CA LYS A 108 -14.23 7.32 -6.80
C LYS A 108 -14.31 7.63 -5.31
N TRP A 109 -14.37 8.91 -4.97
CA TRP A 109 -14.32 9.31 -3.54
C TRP A 109 -15.44 8.64 -2.75
N ALA A 110 -15.09 8.03 -1.61
CA ALA A 110 -16.09 7.33 -0.78
C ALA A 110 -15.44 6.90 0.53
N ASP A 111 -15.91 7.41 1.66
CA ASP A 111 -15.44 6.95 2.98
C ASP A 111 -13.96 7.26 3.19
N ASN A 112 -13.55 8.48 2.82
CA ASN A 112 -12.19 8.97 3.07
C ASN A 112 -11.13 8.08 2.42
N ASN A 113 -11.40 7.63 1.20
CA ASN A 113 -10.48 6.78 0.47
C ASN A 113 -9.48 7.56 -0.36
N CYS A 114 -9.27 8.84 -0.04
CA CYS A 114 -8.35 9.66 -0.83
C CYS A 114 -6.92 9.15 -0.71
N TYR A 115 -6.52 8.68 0.47
CA TYR A 115 -5.18 8.12 0.62
C TYR A 115 -5.07 6.75 -0.04
N LEU A 116 -6.16 5.98 -0.06
CA LEU A 116 -6.14 4.68 -0.71
C LEU A 116 -6.01 4.82 -2.22
N ALA A 117 -6.66 5.83 -2.81
CA ALA A 117 -6.58 6.03 -4.25
C ALA A 117 -5.18 6.46 -4.66
N THR A 118 -4.59 7.40 -3.92
CA THR A 118 -3.22 7.84 -4.22
C THR A 118 -2.24 6.68 -4.11
N ALA A 119 -2.45 5.80 -3.12
CA ALA A 119 -1.58 4.63 -2.99
C ALA A 119 -1.80 3.64 -4.13
N LEU A 120 -3.06 3.44 -4.52
CA LEU A 120 -3.36 2.49 -5.59
C LEU A 120 -2.75 2.95 -6.92
N LEU A 121 -2.87 4.25 -7.23
CA LEU A 121 -2.26 4.78 -8.45
C LEU A 121 -0.75 4.73 -8.39
N THR A 122 -0.17 4.89 -7.19
CA THR A 122 1.29 4.84 -7.05
C THR A 122 1.80 3.43 -7.27
N LEU A 123 1.09 2.42 -6.76
CA LEU A 123 1.56 1.04 -6.87
C LEU A 123 1.53 0.56 -8.32
N GLN A 124 0.62 1.07 -9.14
CA GLN A 124 0.57 0.70 -10.55
C GLN A 124 1.70 1.33 -11.36
N GLN A 125 2.52 2.18 -10.74
CA GLN A 125 3.62 2.84 -11.43
C GLN A 125 5.00 2.44 -10.94
N ILE A 126 5.10 1.74 -9.81
CA ILE A 126 6.39 1.29 -9.30
C ILE A 126 6.43 -0.24 -9.34
N GLU A 127 7.65 -0.77 -9.38
CA GLU A 127 7.87 -2.21 -9.48
C GLU A 127 7.89 -2.81 -8.08
N LEU A 128 6.96 -3.73 -7.82
CA LEU A 128 6.82 -4.29 -6.49
C LEU A 128 6.32 -5.72 -6.59
N LYS A 129 6.88 -6.59 -5.75
CA LYS A 129 6.48 -7.99 -5.67
C LYS A 129 6.08 -8.29 -4.23
N PHE A 130 4.80 -8.62 -4.03
CA PHE A 130 4.26 -8.87 -2.71
C PHE A 130 4.49 -10.31 -2.29
N ASN A 131 4.94 -10.49 -1.05
CA ASN A 131 5.23 -11.84 -0.55
C ASN A 131 3.95 -12.63 -0.24
N PRO A 132 2.94 -12.09 0.44
CA PRO A 132 1.70 -12.84 0.62
C PRO A 132 1.00 -13.07 -0.71
N PRO A 133 0.74 -14.33 -1.05
CA PRO A 133 0.07 -14.62 -2.33
C PRO A 133 -1.27 -13.92 -2.49
N ALA A 134 -2.02 -13.74 -1.39
CA ALA A 134 -3.30 -13.04 -1.49
C ALA A 134 -3.10 -11.60 -1.93
N LEU A 135 -2.05 -10.94 -1.45
CA LEU A 135 -1.76 -9.57 -1.89
C LEU A 135 -1.38 -9.54 -3.36
N GLN A 136 -0.53 -10.47 -3.80
CA GLN A 136 -0.07 -10.45 -5.19
C GLN A 136 -1.22 -10.73 -6.15
N ASP A 137 -2.09 -11.69 -5.81
CA ASP A 137 -3.21 -12.02 -6.70
C ASP A 137 -4.17 -10.84 -6.84
N ALA A 138 -4.48 -10.16 -5.73
CA ALA A 138 -5.36 -8.99 -5.81
C ALA A 138 -4.65 -7.81 -6.45
N TYR A 139 -3.32 -7.73 -6.31
CA TYR A 139 -2.56 -6.68 -6.98
C TYR A 139 -2.69 -6.80 -8.50
N TYR A 140 -2.67 -8.04 -9.01
CA TYR A 140 -2.86 -8.24 -10.44
C TYR A 140 -4.27 -7.85 -10.88
N ARG A 141 -5.28 -8.24 -10.10
N ARG A 141 -5.28 -8.24 -10.10
CA ARG A 141 -6.65 -7.88 -10.45
CA ARG A 141 -6.65 -7.88 -10.44
C ARG A 141 -6.89 -6.38 -10.33
C ARG A 141 -6.88 -6.38 -10.34
N ALA A 142 -6.14 -5.70 -9.46
CA ALA A 142 -6.31 -4.25 -9.32
C ALA A 142 -5.82 -3.53 -10.57
N ARG A 143 -4.67 -3.94 -11.11
CA ARG A 143 -4.18 -3.37 -12.36
C ARG A 143 -5.16 -3.61 -13.50
N ALA A 144 -5.87 -4.73 -13.47
CA ALA A 144 -6.84 -5.07 -14.51
C ALA A 144 -8.20 -4.42 -14.31
N GLY A 145 -8.41 -3.71 -13.21
CA GLY A 145 -9.64 -2.98 -12.96
C GLY A 145 -10.44 -3.45 -11.77
N GLU A 146 -10.21 -4.67 -11.29
CA GLU A 146 -10.96 -5.24 -10.16
C GLU A 146 -10.11 -5.06 -8.90
N ALA A 147 -10.24 -3.91 -8.25
CA ALA A 147 -9.39 -3.55 -7.12
C ALA A 147 -10.12 -3.61 -5.79
N ALA A 148 -11.31 -4.23 -5.74
CA ALA A 148 -12.06 -4.28 -4.48
C ALA A 148 -11.33 -5.11 -3.44
N ASN A 149 -10.87 -6.31 -3.82
CA ASN A 149 -10.15 -7.15 -2.88
C ASN A 149 -8.82 -6.52 -2.48
N PHE A 150 -8.14 -5.87 -3.43
CA PHE A 150 -6.83 -5.31 -3.13
C PHE A 150 -6.92 -4.19 -2.11
N CYS A 151 -7.93 -3.31 -2.24
CA CYS A 151 -8.09 -2.23 -1.28
C CYS A 151 -8.49 -2.77 0.10
N ALA A 152 -9.34 -3.78 0.13
CA ALA A 152 -9.74 -4.37 1.41
C ALA A 152 -8.55 -5.03 2.11
N LEU A 153 -7.70 -5.73 1.35
CA LEU A 153 -6.52 -6.35 1.94
C LEU A 153 -5.56 -5.29 2.47
N ILE A 154 -5.43 -4.17 1.76
CA ILE A 154 -4.54 -3.10 2.20
C ILE A 154 -4.98 -2.58 3.57
N LEU A 155 -6.29 -2.41 3.76
CA LEU A 155 -6.79 -1.95 5.06
C LEU A 155 -6.52 -2.97 6.15
N ALA A 156 -6.65 -4.26 5.84
CA ALA A 156 -6.46 -5.30 6.85
C ALA A 156 -5.00 -5.39 7.27
N TYR A 157 -4.08 -5.39 6.29
CA TYR A 157 -2.67 -5.48 6.63
C TYR A 157 -2.18 -4.23 7.36
N CYS A 158 -2.71 -3.06 7.01
CA CYS A 158 -2.35 -1.82 7.68
C CYS A 158 -3.08 -1.61 8.99
N ASN A 159 -3.95 -2.54 9.40
N ASN A 159 -3.96 -2.53 9.39
CA ASN A 159 -4.72 -2.44 10.63
CA ASN A 159 -4.71 -2.42 10.64
C ASN A 159 -5.55 -1.15 10.66
C ASN A 159 -5.56 -1.15 10.66
N LYS A 160 -6.14 -0.81 9.51
CA LYS A 160 -6.98 0.37 9.37
C LYS A 160 -8.38 -0.06 8.97
N THR A 161 -9.35 0.81 9.24
CA THR A 161 -10.75 0.54 8.96
C THR A 161 -11.27 1.53 7.94
N VAL A 162 -12.40 1.18 7.33
CA VAL A 162 -13.04 2.07 6.36
C VAL A 162 -13.48 3.35 7.05
N GLY A 163 -13.20 4.48 6.40
CA GLY A 163 -13.49 5.79 6.96
C GLY A 163 -12.37 6.41 7.75
N GLU A 164 -11.44 5.59 8.26
CA GLU A 164 -10.33 6.11 9.03
C GLU A 164 -9.40 6.92 8.13
N LEU A 165 -8.84 7.99 8.68
CA LEU A 165 -7.94 8.85 7.94
C LEU A 165 -6.56 8.19 7.87
N GLY A 166 -6.06 7.98 6.65
CA GLY A 166 -4.81 7.28 6.43
C GLY A 166 -3.75 8.20 5.85
N ASP A 167 -2.49 7.88 6.16
CA ASP A 167 -1.33 8.59 5.63
C ASP A 167 -0.69 7.74 4.55
N VAL A 168 -0.48 8.33 3.37
CA VAL A 168 0.03 7.57 2.24
C VAL A 168 1.43 7.03 2.53
N ARG A 169 2.28 7.84 3.15
CA ARG A 169 3.63 7.37 3.49
C ARG A 169 3.58 6.19 4.45
N GLU A 170 2.70 6.25 5.45
CA GLU A 170 2.56 5.14 6.39
C GLU A 170 1.98 3.90 5.70
N THR A 171 1.05 4.09 4.77
CA THR A 171 0.45 2.96 4.08
C THR A 171 1.46 2.29 3.15
N MET A 172 2.30 3.08 2.48
CA MET A 172 3.32 2.50 1.62
C MET A 172 4.35 1.72 2.43
N SER A 173 4.74 2.24 3.58
CA SER A 173 5.72 1.55 4.41
C SER A 173 5.19 0.21 4.90
N TYR A 174 3.94 0.19 5.37
CA TYR A 174 3.33 -1.07 5.79
C TYR A 174 3.31 -2.08 4.65
N LEU A 175 2.98 -1.62 3.45
CA LEU A 175 2.92 -2.53 2.30
C LEU A 175 4.33 -2.96 1.89
N PHE A 176 5.32 -2.06 2.01
CA PHE A 176 6.68 -2.41 1.63
C PHE A 176 7.23 -3.54 2.51
N GLN A 177 6.82 -3.58 3.78
CA GLN A 177 7.27 -4.64 4.67
C GLN A 177 6.69 -5.99 4.31
N HIS A 178 5.62 -6.02 3.50
CA HIS A 178 5.05 -7.27 2.99
C HIS A 178 5.46 -7.53 1.54
N ALA A 179 6.54 -6.92 1.08
CA ALA A 179 7.02 -7.09 -0.28
C ALA A 179 8.47 -7.54 -0.28
N ASN A 180 8.89 -8.12 -1.40
CA ASN A 180 10.25 -8.63 -1.56
C ASN A 180 11.15 -7.46 -1.91
N LEU A 181 11.78 -6.87 -0.90
CA LEU A 181 12.76 -5.81 -1.08
C LEU A 181 14.13 -6.22 -0.54
N ASP A 182 14.38 -7.53 -0.50
CA ASP A 182 15.64 -8.02 0.07
C ASP A 182 16.84 -7.56 -0.76
N SER A 183 16.71 -7.58 -2.09
CA SER A 183 17.82 -7.18 -2.96
C SER A 183 18.08 -5.68 -2.92
N CYS A 184 17.24 -4.89 -2.26
CA CYS A 184 17.44 -3.46 -2.18
C CYS A 184 18.55 -3.13 -1.18
N LYS A 185 19.42 -2.20 -1.57
CA LYS A 185 20.57 -1.81 -0.76
C LYS A 185 20.83 -0.31 -0.93
N ARG A 186 21.06 0.37 0.20
CA ARG A 186 21.40 1.78 0.20
C ARG A 186 22.59 1.98 1.14
N VAL A 187 23.64 2.63 0.63
CA VAL A 187 24.83 2.93 1.40
C VAL A 187 24.96 4.44 1.52
N LEU A 188 25.05 4.93 2.75
CA LEU A 188 25.14 6.35 3.04
C LEU A 188 26.48 6.66 3.70
N ASN A 189 26.84 7.93 3.70
CA ASN A 189 28.08 8.39 4.33
C ASN A 189 27.81 9.69 5.06
N VAL A 190 27.95 9.68 6.38
CA VAL A 190 27.77 10.86 7.21
C VAL A 190 29.15 11.44 7.51
N VAL A 191 29.38 12.67 7.07
CA VAL A 191 30.65 13.35 7.28
C VAL A 191 30.50 14.31 8.46
N CYS A 192 31.56 14.43 9.25
CA CYS A 192 31.56 15.28 10.43
C CYS A 192 33.00 15.69 10.71
N LYS A 193 33.25 17.00 10.75
CA LYS A 193 34.62 17.49 10.89
C LYS A 193 35.27 16.99 12.19
N THR A 194 34.48 16.76 13.23
CA THR A 194 35.01 16.31 14.50
C THR A 194 35.15 14.79 14.54
N CYS A 195 34.04 14.08 14.30
CA CYS A 195 34.04 12.62 14.42
C CYS A 195 34.71 11.96 13.22
N GLY A 196 34.52 12.52 12.02
CA GLY A 196 35.13 11.95 10.83
C GLY A 196 34.11 11.49 9.81
N GLN A 197 34.28 10.28 9.29
CA GLN A 197 33.37 9.70 8.32
C GLN A 197 32.90 8.33 8.79
N GLN A 198 31.60 8.07 8.62
CA GLN A 198 31.01 6.80 9.01
C GLN A 198 30.08 6.33 7.90
N GLN A 199 30.26 5.10 7.45
CA GLN A 199 29.48 4.53 6.36
C GLN A 199 28.46 3.56 6.93
N THR A 200 27.19 3.79 6.60
CA THR A 200 26.09 2.94 7.03
C THR A 200 25.38 2.30 5.85
N THR A 201 25.02 1.03 5.99
CA THR A 201 24.32 0.28 4.95
C THR A 201 22.92 -0.12 5.35
N LEU A 202 21.94 0.30 4.58
CA LEU A 202 20.53 -0.02 4.80
C LEU A 202 20.06 -1.02 3.75
N LYS A 203 19.16 -1.92 4.16
CA LYS A 203 18.63 -2.94 3.28
C LYS A 203 17.14 -3.06 3.49
N GLY A 204 16.42 -3.37 2.41
CA GLY A 204 15.01 -3.67 2.53
C GLY A 204 14.16 -2.41 2.54
N VAL A 205 13.23 -2.34 3.50
CA VAL A 205 12.26 -1.26 3.52
C VAL A 205 12.95 0.09 3.76
N GLU A 206 13.97 0.10 4.61
CA GLU A 206 14.65 1.34 4.96
C GLU A 206 15.54 1.85 3.84
N ALA A 207 15.85 1.03 2.84
CA ALA A 207 16.71 1.43 1.74
C ALA A 207 15.96 2.13 0.61
N VAL A 208 14.63 2.14 0.65
CA VAL A 208 13.83 2.74 -0.41
C VAL A 208 13.06 3.98 0.05
N MET A 209 13.11 4.32 1.34
CA MET A 209 12.35 5.44 1.88
C MET A 209 13.26 6.34 2.68
N TYR A 210 13.02 7.65 2.59
CA TYR A 210 13.72 8.63 3.39
C TYR A 210 12.76 9.77 3.72
N MET A 211 12.78 10.20 4.98
CA MET A 211 11.96 11.32 5.44
C MET A 211 12.88 12.51 5.72
N GLY A 212 12.63 13.62 5.03
CA GLY A 212 13.45 14.80 5.21
C GLY A 212 13.33 15.78 4.07
N THR A 213 13.69 15.36 2.86
CA THR A 213 13.60 16.21 1.68
C THR A 213 12.83 15.48 0.59
N LEU A 214 12.25 16.25 -0.33
CA LEU A 214 11.47 15.69 -1.42
C LEU A 214 12.30 15.35 -2.65
N SER A 215 13.42 16.05 -2.87
CA SER A 215 14.18 15.89 -4.10
C SER A 215 15.22 14.79 -3.93
N TYR A 216 15.27 13.89 -4.92
CA TYR A 216 16.26 12.82 -4.91
C TYR A 216 17.67 13.36 -5.12
N GLU A 217 17.80 14.53 -5.75
CA GLU A 217 19.12 15.09 -6.01
C GLU A 217 19.75 15.64 -4.74
N GLN A 218 18.94 16.26 -3.88
CA GLN A 218 19.48 16.78 -2.61
C GLN A 218 20.00 15.64 -1.75
N PHE A 219 19.35 14.49 -1.81
CA PHE A 219 19.85 13.31 -1.09
C PHE A 219 21.21 12.88 -1.63
N LYS A 220 21.44 13.09 -2.94
CA LYS A 220 22.73 12.77 -3.53
C LYS A 220 23.76 13.87 -3.27
N LYS A 221 23.33 15.12 -3.15
CA LYS A 221 24.25 16.20 -2.84
C LYS A 221 24.61 16.22 -1.36
N GLY A 222 23.65 15.95 -0.48
CA GLY A 222 23.90 15.96 0.94
C GLY A 222 22.80 16.63 1.73
N VAL A 223 22.41 16.02 2.85
CA VAL A 223 21.37 16.54 3.72
C VAL A 223 22.00 16.83 5.09
N GLN A 224 21.69 18.01 5.65
CA GLN A 224 22.21 18.37 6.96
C GLN A 224 21.53 17.54 8.04
N ILE A 225 22.26 16.58 8.60
CA ILE A 225 21.74 15.69 9.62
C ILE A 225 22.51 15.93 10.91
N PRO A 226 21.87 15.84 12.07
CA PRO A 226 22.61 16.02 13.33
C PRO A 226 23.61 14.90 13.56
N CYS A 227 24.55 15.17 14.47
CA CYS A 227 25.55 14.21 14.89
C CYS A 227 25.52 14.10 16.40
N THR A 228 26.03 12.96 16.91
CA THR A 228 26.03 12.74 18.35
C THR A 228 26.86 13.79 19.07
N CYS A 229 27.97 14.23 18.45
CA CYS A 229 28.75 15.30 19.03
C CYS A 229 28.09 16.66 18.85
N GLY A 230 27.34 16.85 17.76
CA GLY A 230 26.66 18.11 17.52
C GLY A 230 27.43 19.04 16.60
N GLN A 232 26.29 19.87 13.54
CA GLN A 232 25.54 19.35 12.41
C GLN A 232 26.45 18.68 11.39
N ALA A 233 26.00 17.53 10.88
CA ALA A 233 26.75 16.73 9.92
C ALA A 233 26.08 16.80 8.56
N THR A 234 26.62 16.03 7.61
CA THR A 234 26.09 15.97 6.26
C THR A 234 26.01 14.51 5.84
N LYS A 235 24.84 14.10 5.33
CA LYS A 235 24.61 12.75 4.86
C LYS A 235 24.33 12.77 3.36
N TYR A 236 25.03 11.95 2.60
CA TYR A 236 24.82 11.84 1.17
C TYR A 236 24.72 10.37 0.77
N LEU A 237 24.11 10.13 -0.38
CA LEU A 237 23.91 8.78 -0.88
C LEU A 237 25.12 8.33 -1.67
N VAL A 238 25.66 7.16 -1.31
CA VAL A 238 26.82 6.59 -2.00
C VAL A 238 26.38 5.63 -3.09
N GLN A 239 25.49 4.69 -2.77
CA GLN A 239 25.05 3.69 -3.74
C GLN A 239 23.60 3.33 -3.45
N GLN A 240 22.81 3.22 -4.51
CA GLN A 240 21.41 2.84 -4.42
C GLN A 240 21.14 1.73 -5.42
N GLU A 241 20.74 0.56 -4.94
CA GLU A 241 20.38 -0.58 -5.78
C GLU A 241 18.94 -0.98 -5.45
N SER A 242 17.99 -0.29 -6.06
CA SER A 242 16.57 -0.55 -5.84
C SER A 242 15.82 -0.17 -7.11
N PRO A 243 14.68 -0.80 -7.39
CA PRO A 243 13.89 -0.40 -8.55
C PRO A 243 13.23 0.95 -8.41
N PHE A 244 13.21 1.54 -7.22
CA PHE A 244 12.62 2.86 -7.01
C PHE A 244 13.11 3.41 -5.68
N VAL A 245 12.82 4.70 -5.45
CA VAL A 245 13.04 5.34 -4.16
C VAL A 245 11.85 6.22 -3.85
N MET A 246 11.51 6.32 -2.56
CA MET A 246 10.42 7.16 -2.10
C MET A 246 11.00 8.27 -1.22
N MET A 247 10.76 9.51 -1.62
CA MET A 247 11.25 10.68 -0.89
C MET A 247 10.06 11.39 -0.26
N SER A 248 10.03 11.44 1.06
CA SER A 248 8.92 12.05 1.78
C SER A 248 9.40 13.24 2.59
N ALA A 249 8.51 14.22 2.75
CA ALA A 249 8.79 15.42 3.53
C ALA A 249 7.45 15.98 4.00
N PRO A 250 7.45 16.77 5.08
CA PRO A 250 6.20 17.36 5.54
C PRO A 250 5.59 18.24 4.45
N PRO A 251 4.27 18.35 4.41
CA PRO A 251 3.61 19.08 3.31
C PRO A 251 4.11 20.51 3.19
N ALA A 252 4.68 20.82 2.02
CA ALA A 252 5.15 22.16 1.72
C ALA A 252 5.02 22.38 0.22
N GLN A 253 5.05 23.65 -0.18
CA GLN A 253 4.95 24.00 -1.59
C GLN A 253 6.20 23.54 -2.34
N TYR A 254 5.98 22.83 -3.45
CA TYR A 254 7.08 22.21 -4.20
C TYR A 254 6.83 22.41 -5.69
N GLU A 255 7.92 22.42 -6.45
CA GLU A 255 7.86 22.58 -7.90
C GLU A 255 8.08 21.23 -8.55
N LEU A 256 7.06 20.76 -9.28
CA LEU A 256 7.12 19.49 -9.99
C LEU A 256 7.30 19.75 -11.48
N LYS A 257 8.40 19.25 -12.03
CA LYS A 257 8.73 19.46 -13.44
C LYS A 257 8.54 18.15 -14.21
N HIS A 258 8.03 18.28 -15.43
CA HIS A 258 7.76 17.10 -16.26
C HIS A 258 9.06 16.39 -16.63
N GLY A 259 9.13 15.11 -16.30
CA GLY A 259 10.28 14.28 -16.65
C GLY A 259 11.26 14.05 -15.52
N THR A 260 11.13 14.75 -14.40
CA THR A 260 12.07 14.62 -13.29
C THR A 260 11.61 13.63 -12.22
N PHE A 261 10.38 13.15 -12.30
CA PHE A 261 9.84 12.25 -11.29
C PHE A 261 8.83 11.33 -11.93
N THR A 262 8.38 10.33 -11.15
CA THR A 262 7.39 9.37 -11.63
C THR A 262 6.00 9.80 -11.20
N CYS A 263 5.75 9.81 -9.89
CA CYS A 263 4.47 10.23 -9.36
C CYS A 263 4.70 10.90 -8.00
N ALA A 264 3.70 11.66 -7.57
CA ALA A 264 3.81 12.43 -6.34
C ALA A 264 2.49 12.41 -5.59
N SER A 265 2.56 12.74 -4.30
CA SER A 265 1.41 12.79 -3.42
C SER A 265 1.21 14.22 -2.95
N GLU A 266 0.05 14.81 -3.28
CA GLU A 266 -0.31 16.14 -2.83
C GLU A 266 -1.23 16.03 -1.62
N TYR A 267 -0.93 16.81 -0.58
CA TYR A 267 -1.77 16.85 0.61
C TYR A 267 -2.12 18.30 0.91
N THR A 268 -3.41 18.60 0.93
CA THR A 268 -3.91 19.91 1.30
C THR A 268 -4.86 19.77 2.48
N GLY A 269 -4.89 20.79 3.33
CA GLY A 269 -5.72 20.79 4.52
C GLY A 269 -4.91 20.57 5.78
N ASN A 270 -5.62 20.49 6.89
CA ASN A 270 -4.97 20.36 8.19
C ASN A 270 -4.42 18.94 8.38
N TYR A 271 -3.64 18.77 9.45
CA TYR A 271 -3.12 17.48 9.84
C TYR A 271 -4.25 16.45 9.94
N GLN A 272 -3.97 15.26 9.40
CA GLN A 272 -4.92 14.11 9.48
C GLN A 272 -6.23 14.34 8.72
N CYS A 273 -7.04 15.30 9.17
CA CYS A 273 -8.33 15.46 8.46
C CYS A 273 -8.03 16.37 7.27
N GLY A 274 -7.32 15.85 6.28
CA GLY A 274 -7.04 16.62 5.06
C GLY A 274 -7.36 15.76 3.87
N HIS A 275 -6.99 16.19 2.65
CA HIS A 275 -7.31 15.47 1.44
C HIS A 275 -6.05 15.23 0.62
N TYR A 276 -6.02 14.09 -0.06
CA TYR A 276 -4.90 13.69 -0.89
C TYR A 276 -5.26 13.82 -2.38
N LYS A 277 -4.24 14.10 -3.18
CA LYS A 277 -4.36 14.08 -4.64
C LYS A 277 -3.08 13.47 -5.22
N HIS A 278 -3.22 12.85 -6.39
CA HIS A 278 -2.13 12.14 -7.03
C HIS A 278 -1.66 12.89 -8.27
N ILE A 279 -0.36 13.16 -8.35
CA ILE A 279 0.26 13.81 -9.49
C ILE A 279 1.17 12.79 -10.18
N THR A 280 1.02 12.65 -11.48
CA THR A 280 1.82 11.72 -12.27
C THR A 280 2.38 12.42 -13.50
N SER A 281 3.60 12.02 -13.87
CA SER A 281 4.33 12.63 -14.98
C SER A 281 4.31 11.68 -16.17
N LYS A 282 3.51 12.03 -17.19
CA LYS A 282 3.47 11.27 -18.44
C LYS A 282 4.01 12.14 -19.57
N GLU A 283 3.33 12.18 -20.72
CA GLU A 283 3.69 13.14 -21.75
C GLU A 283 3.51 14.57 -21.25
N THR A 284 2.62 14.76 -20.28
CA THR A 284 2.48 16.01 -19.54
C THR A 284 2.16 15.65 -18.10
N LEU A 285 2.04 16.66 -17.25
CA LEU A 285 1.68 16.43 -15.85
C LEU A 285 0.17 16.18 -15.74
N TYR A 286 -0.20 15.09 -15.07
CA TYR A 286 -1.59 14.73 -14.86
C TYR A 286 -1.90 14.74 -13.36
N CYS A 287 -3.09 15.24 -13.03
CA CYS A 287 -3.57 15.30 -11.64
C CYS A 287 -4.81 14.44 -11.53
N ILE A 288 -4.71 13.33 -10.79
CA ILE A 288 -5.81 12.39 -10.63
C ILE A 288 -6.37 12.57 -9.22
N ASP A 289 -7.61 13.02 -9.12
CA ASP A 289 -8.33 13.18 -7.86
C ASP A 289 -9.53 12.26 -7.92
N GLY A 290 -9.33 10.99 -7.59
CA GLY A 290 -10.39 10.01 -7.67
C GLY A 290 -10.83 9.74 -9.09
N ALA A 291 -11.96 10.30 -9.48
CA ALA A 291 -12.47 10.15 -10.84
C ALA A 291 -12.17 11.36 -11.72
N LEU A 292 -11.51 12.38 -11.17
CA LEU A 292 -11.26 13.63 -11.88
C LEU A 292 -9.82 13.67 -12.39
N LEU A 293 -9.64 14.21 -13.59
CA LEU A 293 -8.33 14.29 -14.23
C LEU A 293 -8.14 15.70 -14.77
N THR A 294 -7.02 16.32 -14.40
CA THR A 294 -6.63 17.63 -14.90
C THR A 294 -5.18 17.57 -15.37
N LYS A 295 -4.92 18.15 -16.53
CA LYS A 295 -3.58 18.16 -17.10
C LYS A 295 -2.97 19.55 -16.99
N SER A 296 -1.64 19.60 -17.07
CA SER A 296 -0.90 20.84 -16.92
C SER A 296 0.53 20.62 -17.40
N SER A 297 1.14 21.71 -17.88
CA SER A 297 2.55 21.65 -18.29
C SER A 297 3.50 21.79 -17.11
N GLU A 298 3.09 22.47 -16.05
CA GLU A 298 3.92 22.65 -14.88
C GLU A 298 3.03 22.65 -13.65
N TYR A 299 3.63 22.35 -12.50
CA TYR A 299 2.87 22.20 -11.27
C TYR A 299 3.63 22.79 -10.09
N LYS A 300 2.90 23.52 -9.24
CA LYS A 300 3.42 24.02 -7.97
C LYS A 300 2.31 23.87 -6.94
N GLY A 301 2.59 23.10 -5.88
CA GLY A 301 1.60 22.86 -4.85
C GLY A 301 2.16 22.13 -3.65
N PRO A 302 1.29 21.80 -2.69
CA PRO A 302 1.76 21.14 -1.47
C PRO A 302 2.03 19.65 -1.67
N ILE A 303 3.30 19.29 -1.80
CA ILE A 303 3.71 17.92 -2.06
C ILE A 303 4.34 17.34 -0.80
N THR A 304 3.99 16.10 -0.49
CA THR A 304 4.53 15.40 0.68
C THR A 304 5.31 14.14 0.34
N ASP A 305 5.03 13.50 -0.79
CA ASP A 305 5.75 12.30 -1.22
C ASP A 305 6.08 12.41 -2.70
N VAL A 306 7.29 12.01 -3.08
CA VAL A 306 7.71 11.94 -4.47
C VAL A 306 8.41 10.61 -4.71
N PHE A 307 7.98 9.90 -5.75
CA PHE A 307 8.55 8.62 -6.12
C PHE A 307 9.43 8.80 -7.36
N TYR A 308 10.65 8.24 -7.31
CA TYR A 308 11.58 8.30 -8.41
C TYR A 308 11.92 6.88 -8.88
N LYS A 309 12.39 6.78 -10.11
CA LYS A 309 12.83 5.50 -10.66
C LYS A 309 14.34 5.34 -10.48
N GLU A 310 14.77 4.08 -10.32
CA GLU A 310 16.16 3.80 -10.01
C GLU A 310 16.45 2.35 -10.41
N ASN A 311 17.72 2.07 -10.63
CA ASN A 311 18.18 0.70 -10.87
C ASN A 311 19.47 0.45 -10.11
N SER A 312 20.54 1.15 -10.48
CA SER A 312 21.82 1.03 -9.78
C SER A 312 22.54 2.37 -9.90
N TYR A 313 22.69 3.07 -8.79
CA TYR A 313 23.37 4.35 -8.73
C TYR A 313 24.62 4.23 -7.88
N THR A 314 25.69 4.89 -8.30
CA THR A 314 26.93 4.94 -7.55
C THR A 314 27.45 6.36 -7.56
N THR A 315 27.85 6.85 -6.39
CA THR A 315 28.21 8.25 -6.23
C THR A 315 29.57 8.55 -6.85
N THR A 316 29.89 9.84 -6.95
CA THR A 316 31.13 10.30 -7.58
C THR A 316 31.99 11.13 -6.63
N ILE A 317 31.62 11.24 -5.36
CA ILE A 317 32.40 12.00 -4.38
C ILE A 317 33.26 11.02 -3.59
N LYS A 318 34.48 11.44 -3.27
CA LYS A 318 35.40 10.61 -2.50
C LYS A 318 35.13 10.71 -1.02
C1 XYI B . 0.82 14.06 4.93
C2 XYI B . 0.00 14.53 6.13
C3 XYI B . 0.82 15.38 7.07
C4 XYI B . 2.03 14.94 7.61
C11 XYI B . 7.93 13.25 10.42
C13 XYI B . 5.06 15.97 9.68
C14 XYI B . 2.34 17.04 8.76
C15 XYI B . 1.13 17.50 8.24
C16 XYI B . 0.64 18.85 8.59
C21 XYI B . 1.20 19.80 9.46
C10 XYI B . 5.88 11.84 10.87
C17 XYI B . -0.50 19.47 8.12
C19 XYI B . -1.59 21.70 8.51
C22 XYI B . 0.38 16.67 7.40
C24 XYI B . -1.53 13.48 7.74
C25 XYI B . -2.10 12.20 8.27
C26 XYI B . -1.47 11.56 9.35
C27 XYI B . -2.00 10.39 9.87
C29 XYI B . -0.33 10.21 11.60
C30 XYI B . -0.21 9.40 12.87
C32 XYI B . 1.97 8.46 13.57
C33 XYI B . 0.08 6.96 13.13
C34 XYI B . -3.15 9.84 9.33
C35 XYI B . -3.76 10.47 8.27
C36 XYI B . -3.27 11.65 7.71
C37 XYI B . -3.99 12.28 6.55
C5 XYI B . 2.79 15.76 8.45
C6 XYI B . 4.05 15.26 9.02
C7 XYI B . 4.51 13.96 9.03
C9 XYI B . 6.55 12.83 9.93
N12 XYI B . 6.06 15.20 10.07
N18 XYI B . -0.57 20.68 8.70
N20 XYI B . 0.47 20.90 9.52
N23 XYI B . -0.58 13.36 6.79
N31 XYI B . 0.74 8.24 12.76
N8 XYI B . 5.69 13.96 9.65
O28 XYI B . -1.48 9.69 10.93
O38 XYI B . -1.93 14.56 8.14
C1 PEG C . -12.74 16.04 -1.71
O1 PEG C . -14.13 15.79 -1.73
C2 PEG C . -12.27 16.65 -2.99
O2 PEG C . -12.92 16.04 -4.09
C3 PEG C . -12.47 14.71 -4.35
C4 PEG C . -13.44 14.02 -5.27
O4 PEG C . -14.77 14.45 -5.03
C1 PEG D . -3.45 -27.98 1.72
O1 PEG D . -3.80 -27.96 3.10
C2 PEG D . -2.18 -27.23 1.46
O2 PEG D . -1.09 -28.14 1.44
C3 PEG D . 0.18 -27.49 1.45
C4 PEG D . 0.34 -26.70 0.19
O4 PEG D . 1.54 -25.94 0.21
ZN ZN E . 30.31 14.45 15.17
ZN ZN F . 5.17 -13.12 4.64
ZN ZN G . -18.93 2.43 3.08
ZN ZN H . -20.41 1.08 1.95
ZN ZN I . -10.13 12.77 1.37
CL CL J . 12.38 9.18 -12.21
CL CL K . 2.75 17.63 13.31
CL CL L . 5.60 -13.57 6.79
CL CL M . 4.85 -10.87 4.25
#